data_2K59
#
_entry.id   2K59
#
_entity_poly.entity_id   1
_entity_poly.type   'polypeptide(L)'
_entity_poly.pdbx_seq_one_letter_code
;EKMTLCISVLLALTVFLLLISKIVPPTS
;
_entity_poly.pdbx_strand_id   B
#
# COMPACT_ATOMS: atom_id res chain seq x y z
N GLU A 1 19.38 1.65 -3.96
CA GLU A 1 18.60 2.00 -5.19
C GLU A 1 18.36 3.50 -5.27
N LYS A 2 18.49 4.03 -6.49
CA LYS A 2 18.28 5.45 -6.75
C LYS A 2 16.83 5.86 -6.47
N MET A 3 15.93 4.88 -6.48
CA MET A 3 14.51 5.14 -6.23
C MET A 3 13.93 4.16 -5.19
N THR A 4 14.81 3.64 -4.34
CA THR A 4 14.41 2.68 -3.30
C THR A 4 13.32 3.24 -2.39
N LEU A 5 13.40 4.53 -2.06
CA LEU A 5 12.41 5.17 -1.20
C LEU A 5 11.07 5.31 -1.91
N CYS A 6 11.11 5.72 -3.17
CA CYS A 6 9.89 5.91 -3.96
C CYS A 6 9.13 4.62 -4.18
N ILE A 7 9.82 3.57 -4.65
CA ILE A 7 9.17 2.28 -4.87
C ILE A 7 8.59 1.78 -3.58
N SER A 8 9.32 2.00 -2.49
CA SER A 8 8.85 1.65 -1.17
C SER A 8 7.58 2.45 -0.87
N VAL A 9 7.43 3.62 -1.49
CA VAL A 9 6.26 4.42 -1.28
C VAL A 9 5.14 4.07 -2.25
N LEU A 10 5.47 3.72 -3.48
CA LEU A 10 4.44 3.33 -4.43
C LEU A 10 3.84 2.02 -3.96
N LEU A 11 4.66 1.24 -3.26
CA LEU A 11 4.16 0.01 -2.70
C LEU A 11 3.51 0.27 -1.37
N ALA A 12 4.03 1.22 -0.58
CA ALA A 12 3.38 1.53 0.68
C ALA A 12 1.97 1.97 0.37
N LEU A 13 1.83 2.72 -0.72
CA LEU A 13 0.52 3.16 -1.17
C LEU A 13 -0.31 1.95 -1.63
N THR A 14 0.24 1.16 -2.57
CA THR A 14 -0.47 -0.01 -3.08
C THR A 14 -0.78 -1.03 -1.96
N VAL A 15 0.19 -1.34 -1.08
CA VAL A 15 -0.06 -2.25 0.00
C VAL A 15 -1.13 -1.68 0.91
N PHE A 16 -1.01 -0.40 1.23
CA PHE A 16 -2.00 0.27 2.08
C PHE A 16 -3.38 0.07 1.45
N LEU A 17 -3.43 0.13 0.13
CA LEU A 17 -4.67 -0.09 -0.59
C LEU A 17 -5.11 -1.55 -0.49
N LEU A 18 -4.16 -2.49 -0.48
CA LEU A 18 -4.47 -3.88 -0.38
C LEU A 18 -5.13 -4.16 0.95
N LEU A 19 -4.50 -3.67 2.00
CA LEU A 19 -5.02 -3.88 3.35
C LEU A 19 -6.34 -3.18 3.57
N ILE A 20 -6.44 -1.89 3.24
CA ILE A 20 -7.71 -1.19 3.39
C ILE A 20 -8.79 -1.92 2.61
N SER A 21 -8.37 -2.62 1.56
CA SER A 21 -9.30 -3.42 0.77
C SER A 21 -9.64 -4.71 1.52
N LYS A 22 -8.59 -5.43 1.92
CA LYS A 22 -8.70 -6.68 2.65
C LYS A 22 -9.49 -6.52 3.95
N ILE A 23 -9.45 -5.32 4.53
CA ILE A 23 -10.15 -5.04 5.79
C ILE A 23 -11.55 -5.69 5.87
N VAL A 24 -12.38 -5.47 4.85
CA VAL A 24 -13.73 -6.04 4.82
C VAL A 24 -13.70 -7.57 4.63
N PRO A 25 -13.20 -8.07 3.47
CA PRO A 25 -13.13 -9.50 3.18
C PRO A 25 -11.73 -10.09 3.44
N PRO A 26 -11.49 -10.67 4.63
CA PRO A 26 -10.19 -11.25 4.98
C PRO A 26 -9.95 -12.62 4.33
N THR A 27 -10.80 -13.58 4.67
CA THR A 27 -10.70 -14.94 4.13
C THR A 27 -11.26 -15.05 2.71
N SER A 28 -10.72 -14.27 1.79
CA SER A 28 -11.17 -14.29 0.39
C SER A 28 -10.19 -13.54 -0.51
N GLU A 1 19.04 0.72 -6.06
CA GLU A 1 18.36 1.80 -6.84
C GLU A 1 18.18 3.07 -6.00
N LYS A 2 18.46 4.22 -6.60
CA LYS A 2 18.31 5.50 -5.90
C LYS A 2 16.84 5.79 -5.64
N MET A 3 15.97 5.17 -6.44
CA MET A 3 14.53 5.36 -6.31
C MET A 3 13.91 4.34 -5.33
N THR A 4 14.76 3.71 -4.53
CA THR A 4 14.33 2.70 -3.56
C THR A 4 13.30 3.24 -2.56
N LEU A 5 13.43 4.52 -2.18
CA LEU A 5 12.49 5.15 -1.25
C LEU A 5 11.11 5.31 -1.90
N CYS A 6 11.11 5.72 -3.16
CA CYS A 6 9.89 5.93 -3.90
C CYS A 6 9.12 4.64 -4.14
N ILE A 7 9.81 3.61 -4.64
CA ILE A 7 9.13 2.34 -4.90
C ILE A 7 8.57 1.81 -3.60
N SER A 8 9.31 2.03 -2.51
CA SER A 8 8.84 1.65 -1.19
C SER A 8 7.57 2.43 -0.87
N VAL A 9 7.44 3.63 -1.45
CA VAL A 9 6.26 4.43 -1.22
C VAL A 9 5.15 4.08 -2.20
N LEU A 10 5.48 3.73 -3.42
CA LEU A 10 4.45 3.34 -4.37
C LEU A 10 3.86 2.03 -3.91
N LEU A 11 4.68 1.24 -3.22
CA LEU A 11 4.19 0.00 -2.68
C LEU A 11 3.53 0.25 -1.35
N ALA A 12 4.04 1.20 -0.56
CA ALA A 12 3.39 1.51 0.70
C ALA A 12 1.98 1.95 0.41
N LEU A 13 1.83 2.72 -0.68
CA LEU A 13 0.52 3.14 -1.12
C LEU A 13 -0.27 1.92 -1.58
N THR A 14 0.35 1.12 -2.45
CA THR A 14 -0.27 -0.10 -2.96
C THR A 14 -0.69 -1.04 -1.83
N VAL A 15 0.26 -1.41 -0.96
CA VAL A 15 -0.06 -2.27 0.15
C VAL A 15 -1.15 -1.67 1.02
N PHE A 16 -1.03 -0.38 1.31
CA PHE A 16 -2.04 0.31 2.11
C PHE A 16 -3.42 0.10 1.48
N LEU A 17 -3.46 0.16 0.16
CA LEU A 17 -4.70 -0.08 -0.56
C LEU A 17 -5.12 -1.56 -0.48
N LEU A 18 -4.13 -2.47 -0.43
CA LEU A 18 -4.42 -3.87 -0.36
C LEU A 18 -5.10 -4.17 0.97
N LEU A 19 -4.49 -3.68 2.02
CA LEU A 19 -5.03 -3.90 3.36
C LEU A 19 -6.36 -3.18 3.50
N ILE A 20 -6.41 -1.91 3.12
CA ILE A 20 -7.67 -1.17 3.16
C ILE A 20 -8.76 -1.95 2.42
N SER A 21 -8.33 -2.70 1.40
CA SER A 21 -9.24 -3.55 0.63
C SER A 21 -9.66 -4.76 1.43
N LYS A 22 -8.67 -5.47 1.96
CA LYS A 22 -8.92 -6.65 2.76
C LYS A 22 -9.77 -6.31 3.97
N ILE A 23 -9.51 -5.14 4.54
CA ILE A 23 -10.28 -4.69 5.71
C ILE A 23 -11.71 -4.27 5.33
N VAL A 24 -11.85 -3.42 4.31
CA VAL A 24 -13.16 -2.96 3.88
C VAL A 24 -13.45 -3.42 2.45
N PRO A 25 -14.42 -4.31 2.26
CA PRO A 25 -14.80 -4.84 0.94
C PRO A 25 -15.59 -3.83 0.10
N PRO A 26 -15.14 -3.56 -1.13
CA PRO A 26 -15.82 -2.61 -2.03
C PRO A 26 -17.24 -3.07 -2.38
N THR A 27 -17.38 -4.36 -2.66
CA THR A 27 -18.69 -4.93 -3.01
C THR A 27 -19.56 -5.12 -1.77
N SER A 28 -18.92 -5.50 -0.67
CA SER A 28 -19.59 -5.75 0.62
C SER A 28 -20.47 -7.00 0.56
N GLU A 1 18.91 0.88 -6.48
CA GLU A 1 18.17 1.97 -7.20
C GLU A 1 18.03 3.21 -6.33
N LYS A 2 18.29 4.38 -6.93
CA LYS A 2 18.18 5.65 -6.19
C LYS A 2 16.72 5.94 -5.82
N MET A 3 15.81 5.35 -6.58
CA MET A 3 14.37 5.52 -6.35
C MET A 3 13.82 4.45 -5.38
N THR A 4 14.72 3.83 -4.62
CA THR A 4 14.36 2.77 -3.67
C THR A 4 13.33 3.26 -2.63
N LEU A 5 13.44 4.53 -2.23
CA LEU A 5 12.51 5.10 -1.26
C LEU A 5 11.13 5.28 -1.90
N CYS A 6 11.13 5.73 -3.16
CA CYS A 6 9.89 5.96 -3.90
C CYS A 6 9.13 4.67 -4.13
N ILE A 7 9.80 3.65 -4.68
CA ILE A 7 9.14 2.36 -4.93
C ILE A 7 8.57 1.84 -3.63
N SER A 8 9.31 2.07 -2.54
CA SER A 8 8.86 1.70 -1.22
C SER A 8 7.57 2.46 -0.89
N VAL A 9 7.42 3.65 -1.45
CA VAL A 9 6.22 4.42 -1.22
C VAL A 9 5.11 4.06 -2.19
N LEU A 10 5.49 3.69 -3.40
CA LEU A 10 4.51 3.28 -4.40
C LEU A 10 3.87 2.01 -3.90
N LEU A 11 4.69 1.22 -3.22
CA LEU A 11 4.21 -0.01 -2.64
C LEU A 11 3.55 0.26 -1.31
N ALA A 12 4.05 1.23 -0.55
CA ALA A 12 3.40 1.56 0.72
C ALA A 12 1.98 1.97 0.40
N LEU A 13 1.83 2.71 -0.69
CA LEU A 13 0.50 3.12 -1.14
C LEU A 13 -0.27 1.87 -1.57
N THR A 14 0.35 1.06 -2.43
CA THR A 14 -0.24 -0.17 -2.92
C THR A 14 -0.65 -1.09 -1.77
N VAL A 15 0.29 -1.42 -0.88
CA VAL A 15 -0.01 -2.28 0.24
C VAL A 15 -1.12 -1.68 1.10
N PHE A 16 -1.01 -0.39 1.39
CA PHE A 16 -2.05 0.28 2.19
C PHE A 16 -3.41 0.08 1.51
N LEU A 17 -3.42 0.11 0.20
CA LEU A 17 -4.64 -0.13 -0.54
C LEU A 17 -5.07 -1.60 -0.45
N LEU A 18 -4.10 -2.52 -0.36
CA LEU A 18 -4.39 -3.92 -0.27
C LEU A 18 -5.08 -4.19 1.06
N LEU A 19 -4.49 -3.68 2.12
CA LEU A 19 -5.04 -3.86 3.45
C LEU A 19 -6.36 -3.13 3.59
N ILE A 20 -6.42 -1.89 3.12
CA ILE A 20 -7.67 -1.13 3.15
C ILE A 20 -8.74 -1.87 2.35
N SER A 21 -8.29 -2.68 1.38
CA SER A 21 -9.19 -3.48 0.55
C SER A 21 -9.75 -4.66 1.32
N LYS A 22 -8.86 -5.53 1.78
CA LYS A 22 -9.25 -6.72 2.52
C LYS A 22 -9.87 -6.33 3.85
N ILE A 23 -9.29 -5.35 4.51
CA ILE A 23 -9.78 -4.90 5.82
C ILE A 23 -10.72 -3.69 5.69
N VAL A 24 -11.83 -3.87 4.98
CA VAL A 24 -12.81 -2.81 4.80
C VAL A 24 -13.48 -2.40 6.13
N PRO A 25 -13.62 -1.07 6.35
CA PRO A 25 -14.23 -0.55 7.58
C PRO A 25 -15.73 -0.88 7.70
N PRO A 26 -16.17 -1.36 8.88
CA PRO A 26 -17.57 -1.70 9.12
C PRO A 26 -18.47 -0.47 9.31
N THR A 27 -18.33 0.51 8.42
CA THR A 27 -19.12 1.74 8.48
C THR A 27 -20.52 1.54 7.88
N SER A 28 -21.37 0.80 8.59
CA SER A 28 -22.73 0.53 8.12
C SER A 28 -23.75 0.59 9.27
N GLU A 1 18.95 1.81 -7.91
CA GLU A 1 18.71 2.43 -6.58
C GLU A 1 18.06 3.81 -6.71
N LYS A 2 18.39 4.73 -5.77
CA LYS A 2 17.87 6.12 -5.73
C LYS A 2 16.35 6.17 -5.55
N MET A 3 15.66 5.43 -6.39
CA MET A 3 14.20 5.37 -6.35
C MET A 3 13.71 4.31 -5.35
N THR A 4 14.64 3.78 -4.55
CA THR A 4 14.33 2.76 -3.54
C THR A 4 13.29 3.25 -2.53
N LEU A 5 13.42 4.51 -2.11
CA LEU A 5 12.47 5.08 -1.16
C LEU A 5 11.11 5.28 -1.82
N CYS A 6 11.11 5.75 -3.06
CA CYS A 6 9.88 5.98 -3.80
C CYS A 6 9.10 4.70 -4.06
N ILE A 7 9.78 3.69 -4.61
CA ILE A 7 9.11 2.42 -4.89
C ILE A 7 8.56 1.85 -3.59
N SER A 8 9.30 2.07 -2.51
CA SER A 8 8.85 1.66 -1.19
C SER A 8 7.56 2.40 -0.86
N VAL A 9 7.40 3.59 -1.43
CA VAL A 9 6.20 4.36 -1.19
C VAL A 9 5.10 4.00 -2.19
N LEU A 10 5.49 3.64 -3.41
CA LEU A 10 4.52 3.24 -4.43
C LEU A 10 3.86 1.97 -3.94
N LEU A 11 4.67 1.17 -3.25
CA LEU A 11 4.16 -0.06 -2.69
C LEU A 11 3.50 0.22 -1.36
N ALA A 12 4.03 1.16 -0.58
CA ALA A 12 3.38 1.48 0.69
C ALA A 12 1.97 1.92 0.38
N LEU A 13 1.83 2.65 -0.73
CA LEU A 13 0.51 3.08 -1.17
C LEU A 13 -0.30 1.86 -1.63
N THR A 14 0.28 1.08 -2.55
CA THR A 14 -0.41 -0.11 -3.06
C THR A 14 -0.77 -1.09 -1.93
N VAL A 15 0.19 -1.38 -1.02
CA VAL A 15 -0.10 -2.26 0.09
C VAL A 15 -1.16 -1.67 0.99
N PHE A 16 -1.03 -0.38 1.30
CA PHE A 16 -2.02 0.30 2.13
C PHE A 16 -3.40 0.11 1.50
N LEU A 17 -3.43 0.10 0.18
CA LEU A 17 -4.67 -0.11 -0.55
C LEU A 17 -5.09 -1.58 -0.48
N LEU A 18 -4.12 -2.50 -0.44
CA LEU A 18 -4.42 -3.90 -0.36
C LEU A 18 -5.12 -4.18 0.94
N LEU A 19 -4.52 -3.72 2.02
CA LEU A 19 -5.09 -3.91 3.35
C LEU A 19 -6.35 -3.11 3.51
N ILE A 20 -6.36 -1.88 3.02
CA ILE A 20 -7.54 -1.02 3.07
C ILE A 20 -8.70 -1.75 2.39
N SER A 21 -8.35 -2.61 1.45
CA SER A 21 -9.34 -3.42 0.74
C SER A 21 -9.65 -4.67 1.55
N LYS A 22 -8.58 -5.37 1.94
CA LYS A 22 -8.67 -6.59 2.71
C LYS A 22 -9.43 -6.42 4.03
N ILE A 23 -9.47 -5.18 4.55
CA ILE A 23 -10.16 -4.91 5.83
C ILE A 23 -11.50 -5.68 5.96
N VAL A 24 -12.35 -5.60 4.93
CA VAL A 24 -13.63 -6.29 4.95
C VAL A 24 -13.49 -7.82 4.74
N PRO A 25 -12.95 -8.28 3.58
CA PRO A 25 -12.78 -9.71 3.30
C PRO A 25 -11.41 -10.23 3.76
N PRO A 26 -11.40 -11.13 4.77
CA PRO A 26 -10.16 -11.71 5.32
C PRO A 26 -9.54 -12.80 4.44
N THR A 27 -10.16 -13.99 4.43
CA THR A 27 -9.63 -15.13 3.65
C THR A 27 -9.70 -14.89 2.14
N SER A 28 -10.72 -14.18 1.69
CA SER A 28 -10.88 -13.89 0.26
C SER A 28 -11.40 -12.47 0.04
N GLU A 1 20.32 2.09 -5.51
CA GLU A 1 19.06 2.58 -6.15
C GLU A 1 18.67 3.94 -5.60
N LYS A 2 18.35 4.85 -6.51
CA LYS A 2 17.95 6.20 -6.14
C LYS A 2 16.45 6.30 -5.89
N MET A 3 15.70 5.39 -6.49
CA MET A 3 14.23 5.38 -6.34
C MET A 3 13.75 4.33 -5.33
N THR A 4 14.68 3.78 -4.56
CA THR A 4 14.35 2.76 -3.55
C THR A 4 13.30 3.26 -2.55
N LEU A 5 13.42 4.52 -2.13
CA LEU A 5 12.47 5.11 -1.20
C LEU A 5 11.10 5.29 -1.86
N CYS A 6 11.12 5.73 -3.11
CA CYS A 6 9.89 5.96 -3.86
C CYS A 6 9.13 4.68 -4.13
N ILE A 7 9.79 3.66 -4.67
CA ILE A 7 9.12 2.38 -4.94
C ILE A 7 8.57 1.84 -3.64
N SER A 8 9.32 2.07 -2.57
CA SER A 8 8.88 1.68 -1.23
C SER A 8 7.58 2.43 -0.91
N VAL A 9 7.42 3.63 -1.47
CA VAL A 9 6.21 4.39 -1.22
C VAL A 9 5.11 4.03 -2.21
N LEU A 10 5.49 3.67 -3.42
CA LEU A 10 4.50 3.26 -4.42
C LEU A 10 3.86 1.99 -3.92
N LEU A 11 4.68 1.19 -3.25
CA LEU A 11 4.20 -0.04 -2.68
C LEU A 11 3.53 0.23 -1.35
N ALA A 12 4.05 1.19 -0.58
CA ALA A 12 3.40 1.52 0.68
C ALA A 12 1.98 1.96 0.38
N LEU A 13 1.83 2.70 -0.72
CA LEU A 13 0.52 3.12 -1.16
C LEU A 13 -0.28 1.88 -1.60
N THR A 14 0.33 1.08 -2.47
CA THR A 14 -0.28 -0.14 -2.97
C THR A 14 -0.69 -1.07 -1.83
N VAL A 15 0.25 -1.41 -0.94
CA VAL A 15 -0.05 -2.27 0.17
C VAL A 15 -1.13 -1.66 1.04
N PHE A 16 -1.01 -0.36 1.32
CA PHE A 16 -2.02 0.34 2.12
C PHE A 16 -3.40 0.12 1.49
N LEU A 17 -3.44 0.14 0.17
CA LEU A 17 -4.67 -0.10 -0.54
C LEU A 17 -5.09 -1.57 -0.44
N LEU A 18 -4.10 -2.49 -0.39
CA LEU A 18 -4.39 -3.89 -0.28
C LEU A 18 -5.06 -4.18 1.05
N LEU A 19 -4.45 -3.66 2.09
CA LEU A 19 -4.98 -3.86 3.43
C LEU A 19 -6.31 -3.14 3.58
N ILE A 20 -6.38 -1.89 3.15
CA ILE A 20 -7.64 -1.14 3.20
C ILE A 20 -8.72 -1.89 2.41
N SER A 21 -8.28 -2.67 1.43
CA SER A 21 -9.19 -3.48 0.62
C SER A 21 -9.74 -4.67 1.38
N LYS A 22 -8.83 -5.52 1.83
CA LYS A 22 -9.19 -6.71 2.56
C LYS A 22 -9.78 -6.37 3.92
N ILE A 23 -9.17 -5.40 4.58
CA ILE A 23 -9.62 -4.97 5.90
C ILE A 23 -10.62 -3.81 5.81
N VAL A 24 -11.81 -4.09 5.29
CA VAL A 24 -12.86 -3.07 5.15
C VAL A 24 -13.29 -2.52 6.51
N PRO A 25 -13.20 -1.19 6.71
CA PRO A 25 -13.59 -0.55 7.97
C PRO A 25 -15.10 -0.67 8.25
N PRO A 26 -15.46 -1.06 9.48
CA PRO A 26 -16.87 -1.22 9.86
C PRO A 26 -17.59 0.13 9.94
N THR A 27 -18.84 0.17 9.45
CA THR A 27 -19.64 1.39 9.49
C THR A 27 -20.35 1.57 10.83
N SER A 28 -19.65 1.19 11.91
CA SER A 28 -20.18 1.28 13.27
C SER A 28 -19.18 0.71 14.28
N GLU A 1 18.92 0.82 -6.62
CA GLU A 1 18.11 1.90 -7.24
C GLU A 1 17.98 3.12 -6.32
N LYS A 2 18.22 4.30 -6.88
CA LYS A 2 18.11 5.54 -6.11
C LYS A 2 16.66 5.82 -5.73
N MET A 3 15.75 5.22 -6.50
CA MET A 3 14.31 5.38 -6.26
C MET A 3 13.77 4.34 -5.26
N THR A 4 14.67 3.71 -4.50
CA THR A 4 14.28 2.70 -3.50
C THR A 4 13.24 3.22 -2.52
N LEU A 5 13.39 4.48 -2.08
CA LEU A 5 12.44 5.09 -1.16
C LEU A 5 11.08 5.29 -1.83
N CYS A 6 11.10 5.76 -3.08
CA CYS A 6 9.88 6.00 -3.84
C CYS A 6 9.12 4.71 -4.11
N ILE A 7 9.79 3.70 -4.65
CA ILE A 7 9.11 2.43 -4.94
C ILE A 7 8.56 1.87 -3.64
N SER A 8 9.30 2.09 -2.55
CA SER A 8 8.83 1.68 -1.25
C SER A 8 7.55 2.43 -0.91
N VAL A 9 7.38 3.63 -1.48
CA VAL A 9 6.19 4.40 -1.24
C VAL A 9 5.10 4.03 -2.24
N LEU A 10 5.48 3.66 -3.45
CA LEU A 10 4.51 3.25 -4.45
C LEU A 10 3.87 1.98 -3.94
N LEU A 11 4.68 1.19 -3.26
CA LEU A 11 4.19 -0.04 -2.68
C LEU A 11 3.53 0.23 -1.35
N ALA A 12 4.04 1.20 -0.59
CA ALA A 12 3.40 1.53 0.67
C ALA A 12 1.98 1.95 0.36
N LEU A 13 1.83 2.69 -0.74
CA LEU A 13 0.50 3.10 -1.18
C LEU A 13 -0.28 1.86 -1.63
N THR A 14 0.33 1.06 -2.49
CA THR A 14 -0.27 -0.17 -2.99
C THR A 14 -0.68 -1.10 -1.84
N VAL A 15 0.26 -1.42 -0.96
CA VAL A 15 -0.04 -2.28 0.17
C VAL A 15 -1.13 -1.66 1.03
N PHE A 16 -1.01 -0.36 1.31
CA PHE A 16 -2.03 0.33 2.11
C PHE A 16 -3.40 0.11 1.47
N LEU A 17 -3.44 0.11 0.15
CA LEU A 17 -4.66 -0.14 -0.57
C LEU A 17 -5.07 -1.61 -0.46
N LEU A 18 -4.09 -2.54 -0.42
CA LEU A 18 -4.39 -3.93 -0.32
C LEU A 18 -5.05 -4.21 1.01
N LEU A 19 -4.44 -3.68 2.05
CA LEU A 19 -4.96 -3.87 3.39
C LEU A 19 -6.27 -3.13 3.57
N ILE A 20 -6.32 -1.88 3.15
CA ILE A 20 -7.56 -1.10 3.24
C ILE A 20 -8.69 -1.81 2.47
N SER A 21 -8.27 -2.62 1.49
CA SER A 21 -9.21 -3.40 0.69
C SER A 21 -9.72 -4.61 1.45
N LYS A 22 -8.79 -5.47 1.83
CA LYS A 22 -9.10 -6.69 2.54
C LYS A 22 -9.72 -6.38 3.91
N ILE A 23 -9.18 -5.39 4.59
CA ILE A 23 -9.66 -5.02 5.91
C ILE A 23 -10.81 -4.00 5.84
N VAL A 24 -11.87 -4.35 5.12
CA VAL A 24 -13.04 -3.47 5.00
C VAL A 24 -13.69 -3.25 6.36
N PRO A 25 -13.92 -1.99 6.74
CA PRO A 25 -14.54 -1.67 8.04
C PRO A 25 -15.98 -2.20 8.12
N PRO A 26 -16.34 -2.84 9.25
CA PRO A 26 -17.69 -3.40 9.48
C PRO A 26 -18.79 -2.32 9.59
N THR A 27 -18.70 -1.30 8.75
CA THR A 27 -19.66 -0.21 8.73
C THR A 27 -19.92 0.29 7.31
N SER A 28 -19.16 -0.26 6.34
CA SER A 28 -19.28 0.11 4.92
C SER A 28 -19.27 1.64 4.70
N GLU A 1 19.61 2.76 -8.18
CA GLU A 1 19.02 2.96 -6.84
C GLU A 1 18.23 4.27 -6.77
N LYS A 2 18.44 5.01 -5.66
CA LYS A 2 17.79 6.33 -5.40
C LYS A 2 16.27 6.22 -5.30
N MET A 3 15.66 5.56 -6.27
CA MET A 3 14.21 5.39 -6.31
C MET A 3 13.73 4.31 -5.33
N THR A 4 14.65 3.79 -4.51
CA THR A 4 14.33 2.76 -3.52
C THR A 4 13.27 3.25 -2.53
N LEU A 5 13.40 4.51 -2.10
CA LEU A 5 12.45 5.10 -1.17
C LEU A 5 11.08 5.29 -1.84
N CYS A 6 11.11 5.74 -3.08
CA CYS A 6 9.89 5.97 -3.86
C CYS A 6 9.13 4.69 -4.12
N ILE A 7 9.80 3.66 -4.67
CA ILE A 7 9.13 2.39 -4.94
C ILE A 7 8.57 1.85 -3.65
N SER A 8 9.31 2.05 -2.56
CA SER A 8 8.85 1.64 -1.25
C SER A 8 7.57 2.41 -0.91
N VAL A 9 7.41 3.61 -1.47
CA VAL A 9 6.23 4.38 -1.22
C VAL A 9 5.11 4.03 -2.20
N LEU A 10 5.49 3.68 -3.42
CA LEU A 10 4.50 3.28 -4.42
C LEU A 10 3.86 2.01 -3.94
N LEU A 11 4.68 1.21 -3.27
CA LEU A 11 4.19 -0.03 -2.71
C LEU A 11 3.54 0.22 -1.37
N ALA A 12 4.05 1.17 -0.59
CA ALA A 12 3.41 1.48 0.68
C ALA A 12 2.00 1.93 0.38
N LEU A 13 1.84 2.68 -0.71
CA LEU A 13 0.53 3.11 -1.14
C LEU A 13 -0.27 1.89 -1.59
N THR A 14 0.34 1.08 -2.47
CA THR A 14 -0.28 -0.13 -2.99
C THR A 14 -0.69 -1.07 -1.85
N VAL A 15 0.25 -1.43 -0.97
CA VAL A 15 -0.05 -2.30 0.13
C VAL A 15 -1.14 -1.69 1.01
N PHE A 16 -1.01 -0.39 1.31
CA PHE A 16 -2.01 0.30 2.11
C PHE A 16 -3.39 0.10 1.49
N LEU A 17 -3.43 0.15 0.17
CA LEU A 17 -4.68 -0.07 -0.55
C LEU A 17 -5.10 -1.55 -0.47
N LEU A 18 -4.13 -2.47 -0.41
CA LEU A 18 -4.43 -3.86 -0.33
C LEU A 18 -5.09 -4.16 0.98
N LEU A 19 -4.49 -3.67 2.04
CA LEU A 19 -5.03 -3.88 3.37
C LEU A 19 -6.36 -3.16 3.52
N ILE A 20 -6.41 -1.89 3.12
CA ILE A 20 -7.67 -1.14 3.17
C ILE A 20 -8.75 -1.93 2.42
N SER A 21 -8.32 -2.67 1.41
CA SER A 21 -9.23 -3.51 0.62
C SER A 21 -9.66 -4.73 1.42
N LYS A 22 -8.67 -5.43 1.97
CA LYS A 22 -8.91 -6.61 2.77
C LYS A 22 -9.78 -6.28 3.97
N ILE A 23 -9.51 -5.12 4.56
CA ILE A 23 -10.27 -4.66 5.73
C ILE A 23 -11.69 -4.21 5.36
N VAL A 24 -11.81 -3.27 4.43
CA VAL A 24 -13.12 -2.78 4.01
C VAL A 24 -13.53 -3.33 2.64
N PRO A 25 -14.61 -4.11 2.60
CA PRO A 25 -15.12 -4.70 1.35
C PRO A 25 -15.81 -3.68 0.44
N PRO A 26 -15.43 -3.62 -0.83
CA PRO A 26 -16.02 -2.68 -1.81
C PRO A 26 -17.52 -2.93 -2.02
N THR A 27 -17.90 -4.20 -2.12
CA THR A 27 -19.29 -4.59 -2.33
C THR A 27 -20.07 -4.58 -1.00
N SER A 28 -20.14 -3.42 -0.36
CA SER A 28 -20.86 -3.27 0.91
C SER A 28 -21.27 -1.82 1.17
N GLU A 1 19.18 0.91 -6.97
CA GLU A 1 18.30 1.98 -7.53
C GLU A 1 18.07 3.11 -6.53
N LYS A 2 18.30 4.34 -6.99
CA LYS A 2 18.11 5.52 -6.15
C LYS A 2 16.64 5.74 -5.81
N MET A 3 15.76 5.18 -6.63
CA MET A 3 14.31 5.30 -6.43
C MET A 3 13.79 4.31 -5.38
N THR A 4 14.68 3.76 -4.57
CA THR A 4 14.31 2.79 -3.52
C THR A 4 13.26 3.35 -2.56
N LEU A 5 13.40 4.62 -2.20
CA LEU A 5 12.45 5.27 -1.30
C LEU A 5 11.07 5.40 -1.95
N CYS A 6 11.06 5.79 -3.22
CA CYS A 6 9.83 5.97 -3.97
C CYS A 6 9.09 4.66 -4.17
N ILE A 7 9.78 3.63 -4.71
CA ILE A 7 9.13 2.33 -4.92
C ILE A 7 8.59 1.83 -3.60
N SER A 8 9.33 2.09 -2.53
CA SER A 8 8.90 1.74 -1.20
C SER A 8 7.60 2.47 -0.88
N VAL A 9 7.42 3.66 -1.48
CA VAL A 9 6.20 4.41 -1.26
C VAL A 9 5.11 4.00 -2.23
N LEU A 10 5.49 3.61 -3.44
CA LEU A 10 4.51 3.16 -4.43
C LEU A 10 3.89 1.90 -3.91
N LEU A 11 4.71 1.13 -3.20
CA LEU A 11 4.24 -0.10 -2.61
C LEU A 11 3.57 0.20 -1.28
N ALA A 12 4.07 1.18 -0.53
CA ALA A 12 3.42 1.53 0.72
C ALA A 12 2.00 1.94 0.41
N LEU A 13 1.84 2.66 -0.70
CA LEU A 13 0.51 3.05 -1.16
C LEU A 13 -0.26 1.81 -1.59
N THR A 14 0.38 0.98 -2.41
CA THR A 14 -0.21 -0.26 -2.90
C THR A 14 -0.61 -1.17 -1.74
N VAL A 15 0.31 -1.48 -0.84
CA VAL A 15 -0.02 -2.33 0.27
C VAL A 15 -1.12 -1.70 1.11
N PHE A 16 -0.99 -0.40 1.40
CA PHE A 16 -2.01 0.31 2.17
C PHE A 16 -3.38 0.14 1.55
N LEU A 17 -3.45 0.15 0.23
CA LEU A 17 -4.74 -0.04 -0.41
C LEU A 17 -5.12 -1.52 -0.43
N LEU A 18 -4.13 -2.43 -0.38
CA LEU A 18 -4.41 -3.82 -0.36
C LEU A 18 -5.08 -4.16 0.96
N LEU A 19 -4.47 -3.70 2.02
CA LEU A 19 -4.99 -3.94 3.36
C LEU A 19 -6.30 -3.19 3.56
N ILE A 20 -6.34 -1.93 3.17
CA ILE A 20 -7.56 -1.15 3.29
C ILE A 20 -8.69 -1.81 2.48
N SER A 21 -8.30 -2.59 1.48
CA SER A 21 -9.27 -3.30 0.64
C SER A 21 -9.80 -4.53 1.36
N LYS A 22 -8.89 -5.46 1.66
CA LYS A 22 -9.23 -6.69 2.33
C LYS A 22 -9.82 -6.43 3.70
N ILE A 23 -9.21 -5.50 4.42
CA ILE A 23 -9.68 -5.14 5.77
C ILE A 23 -10.63 -3.95 5.74
N VAL A 24 -11.57 -3.97 4.79
CA VAL A 24 -12.55 -2.89 4.67
C VAL A 24 -13.54 -2.91 5.84
N PRO A 25 -13.71 -1.76 6.53
CA PRO A 25 -14.62 -1.65 7.68
C PRO A 25 -16.09 -1.83 7.28
N PRO A 26 -16.80 -2.75 7.96
CA PRO A 26 -18.22 -3.03 7.70
C PRO A 26 -19.14 -1.88 8.15
N THR A 27 -18.78 -0.67 7.76
CA THR A 27 -19.51 0.55 8.10
C THR A 27 -19.05 1.69 7.20
N SER A 28 -17.73 1.87 7.14
CA SER A 28 -17.10 2.92 6.32
C SER A 28 -17.53 4.33 6.76
N GLU A 1 19.24 0.98 -6.23
CA GLU A 1 18.50 2.03 -6.97
C GLU A 1 18.20 3.24 -6.07
N LYS A 2 18.41 4.43 -6.61
CA LYS A 2 18.15 5.67 -5.87
C LYS A 2 16.66 5.85 -5.61
N MET A 3 15.85 5.19 -6.44
CA MET A 3 14.39 5.27 -6.31
C MET A 3 13.84 4.27 -5.28
N THR A 4 14.73 3.73 -4.46
CA THR A 4 14.35 2.75 -3.42
C THR A 4 13.27 3.30 -2.48
N LEU A 5 13.39 4.58 -2.10
CA LEU A 5 12.42 5.21 -1.21
C LEU A 5 11.07 5.37 -1.91
N CYS A 6 11.10 5.73 -3.19
CA CYS A 6 9.89 5.92 -3.97
C CYS A 6 9.14 4.62 -4.20
N ILE A 7 9.83 3.59 -4.66
CA ILE A 7 9.18 2.30 -4.90
C ILE A 7 8.60 1.79 -3.59
N SER A 8 9.35 2.02 -2.52
CA SER A 8 8.89 1.67 -1.20
C SER A 8 7.61 2.44 -0.89
N VAL A 9 7.46 3.63 -1.49
CA VAL A 9 6.27 4.41 -1.28
C VAL A 9 5.16 4.05 -2.25
N LEU A 10 5.50 3.70 -3.48
CA LEU A 10 4.46 3.31 -4.43
C LEU A 10 3.86 2.00 -3.96
N LEU A 11 4.68 1.22 -3.27
CA LEU A 11 4.20 -0.02 -2.71
C LEU A 11 3.54 0.24 -1.38
N ALA A 12 4.06 1.19 -0.60
CA ALA A 12 3.41 1.51 0.67
C ALA A 12 1.99 1.95 0.37
N LEU A 13 1.84 2.70 -0.72
CA LEU A 13 0.53 3.12 -1.16
C LEU A 13 -0.27 1.90 -1.61
N THR A 14 0.34 1.09 -2.48
CA THR A 14 -0.28 -0.13 -2.99
C THR A 14 -0.69 -1.07 -1.85
N VAL A 15 0.25 -1.42 -0.97
CA VAL A 15 -0.05 -2.27 0.14
C VAL A 15 -1.13 -1.66 1.01
N PHE A 16 -1.01 -0.37 1.30
CA PHE A 16 -2.01 0.32 2.11
C PHE A 16 -3.39 0.10 1.48
N LEU A 17 -3.43 0.15 0.17
CA LEU A 17 -4.67 -0.09 -0.55
C LEU A 17 -5.10 -1.55 -0.44
N LEU A 18 -4.13 -2.49 -0.40
CA LEU A 18 -4.44 -3.87 -0.28
C LEU A 18 -5.09 -4.15 1.05
N LEU A 19 -4.48 -3.63 2.09
CA LEU A 19 -4.98 -3.83 3.44
C LEU A 19 -6.32 -3.14 3.65
N ILE A 20 -6.44 -1.88 3.27
CA ILE A 20 -7.73 -1.19 3.40
C ILE A 20 -8.79 -1.92 2.58
N SER A 21 -8.32 -2.63 1.55
CA SER A 21 -9.22 -3.41 0.69
C SER A 21 -9.73 -4.65 1.40
N LYS A 22 -8.80 -5.53 1.73
CA LYS A 22 -9.12 -6.78 2.40
C LYS A 22 -9.73 -6.51 3.77
N ILE A 23 -9.16 -5.55 4.48
CA ILE A 23 -9.65 -5.21 5.82
C ILE A 23 -10.64 -4.04 5.77
N VAL A 24 -11.57 -4.10 4.82
CA VAL A 24 -12.58 -3.05 4.66
C VAL A 24 -13.58 -3.06 5.83
N PRO A 25 -13.82 -1.90 6.45
CA PRO A 25 -14.73 -1.80 7.59
C PRO A 25 -16.18 -2.15 7.22
N PRO A 26 -16.81 -3.11 7.92
CA PRO A 26 -18.18 -3.51 7.67
C PRO A 26 -19.18 -2.50 8.22
N THR A 27 -19.15 -1.29 7.67
CA THR A 27 -20.02 -0.21 8.12
C THR A 27 -20.16 0.90 7.07
N SER A 28 -21.41 1.18 6.68
CA SER A 28 -21.73 2.24 5.69
C SER A 28 -20.74 2.31 4.52
N GLU A 1 19.61 1.44 -6.32
CA GLU A 1 18.69 2.42 -6.97
C GLU A 1 18.30 3.55 -6.03
N LYS A 2 18.40 4.77 -6.53
CA LYS A 2 18.04 5.96 -5.75
C LYS A 2 16.52 6.01 -5.53
N MET A 3 15.79 5.37 -6.44
CA MET A 3 14.33 5.33 -6.37
C MET A 3 13.82 4.31 -5.34
N THR A 4 14.73 3.80 -4.50
CA THR A 4 14.38 2.82 -3.47
C THR A 4 13.30 3.36 -2.52
N LEU A 5 13.39 4.64 -2.19
CA LEU A 5 12.41 5.26 -1.30
C LEU A 5 11.04 5.38 -1.98
N CYS A 6 11.06 5.77 -3.25
CA CYS A 6 9.84 5.93 -4.03
C CYS A 6 9.10 4.61 -4.24
N ILE A 7 9.82 3.57 -4.68
CA ILE A 7 9.18 2.28 -4.90
C ILE A 7 8.62 1.79 -3.59
N SER A 8 9.34 2.05 -2.50
CA SER A 8 8.87 1.71 -1.18
C SER A 8 7.59 2.49 -0.89
N VAL A 9 7.44 3.66 -1.52
CA VAL A 9 6.24 4.44 -1.32
C VAL A 9 5.13 4.04 -2.27
N LEU A 10 5.47 3.66 -3.50
CA LEU A 10 4.45 3.23 -4.42
C LEU A 10 3.87 1.92 -3.93
N LEU A 11 4.71 1.17 -3.21
CA LEU A 11 4.26 -0.07 -2.63
C LEU A 11 3.59 0.21 -1.30
N ALA A 12 4.08 1.20 -0.56
CA ALA A 12 3.42 1.54 0.70
C ALA A 12 2.00 1.94 0.38
N LEU A 13 1.85 2.69 -0.71
CA LEU A 13 0.52 3.08 -1.17
C LEU A 13 -0.25 1.84 -1.60
N THR A 14 0.39 1.00 -2.42
CA THR A 14 -0.21 -0.23 -2.90
C THR A 14 -0.60 -1.16 -1.73
N VAL A 15 0.34 -1.49 -0.85
CA VAL A 15 0.02 -2.34 0.25
C VAL A 15 -1.09 -1.73 1.10
N PHE A 16 -0.95 -0.45 1.41
CA PHE A 16 -1.97 0.24 2.21
C PHE A 16 -3.35 0.10 1.57
N LEU A 17 -3.43 0.17 0.26
CA LEU A 17 -4.70 0.01 -0.39
C LEU A 17 -5.11 -1.46 -0.40
N LEU A 18 -4.14 -2.40 -0.37
CA LEU A 18 -4.43 -3.78 -0.34
C LEU A 18 -5.10 -4.12 0.98
N LEU A 19 -4.49 -3.66 2.04
CA LEU A 19 -5.01 -3.90 3.37
C LEU A 19 -6.34 -3.20 3.59
N ILE A 20 -6.44 -1.92 3.27
CA ILE A 20 -7.73 -1.23 3.42
C ILE A 20 -8.79 -1.91 2.56
N SER A 21 -8.34 -2.59 1.50
CA SER A 21 -9.24 -3.32 0.60
C SER A 21 -9.79 -4.57 1.27
N LYS A 22 -8.88 -5.46 1.66
CA LYS A 22 -9.25 -6.71 2.28
C LYS A 22 -9.79 -6.48 3.68
N ILE A 23 -9.15 -5.58 4.42
CA ILE A 23 -9.55 -5.28 5.78
C ILE A 23 -10.57 -4.13 5.85
N VAL A 24 -11.72 -4.34 5.21
CA VAL A 24 -12.78 -3.33 5.19
C VAL A 24 -13.37 -3.10 6.60
N PRO A 25 -13.53 -1.83 6.99
CA PRO A 25 -14.07 -1.48 8.31
C PRO A 25 -15.57 -1.81 8.44
N PRO A 26 -15.95 -2.50 9.53
CA PRO A 26 -17.36 -2.89 9.78
C PRO A 26 -18.25 -1.71 10.17
N THR A 27 -18.11 -0.59 9.47
CA THR A 27 -18.91 0.61 9.73
C THR A 27 -20.12 0.69 8.81
N SER A 28 -21.03 -0.28 8.95
CA SER A 28 -22.25 -0.32 8.13
C SER A 28 -23.30 -1.23 8.77
N GLU A 1 19.36 1.77 -6.82
CA GLU A 1 18.87 3.06 -7.39
C GLU A 1 18.21 3.92 -6.32
N LYS A 2 18.35 5.24 -6.50
CA LYS A 2 17.79 6.23 -5.58
C LYS A 2 16.27 6.12 -5.49
N MET A 3 15.65 5.44 -6.45
CA MET A 3 14.20 5.30 -6.45
C MET A 3 13.72 4.25 -5.43
N THR A 4 14.66 3.73 -4.63
CA THR A 4 14.34 2.74 -3.61
C THR A 4 13.30 3.26 -2.61
N LEU A 5 13.42 4.54 -2.24
CA LEU A 5 12.48 5.16 -1.31
C LEU A 5 11.11 5.34 -1.98
N CYS A 6 11.14 5.77 -3.24
CA CYS A 6 9.91 5.98 -4.01
C CYS A 6 9.14 4.70 -4.22
N ILE A 7 9.80 3.66 -4.74
CA ILE A 7 9.12 2.39 -4.96
C ILE A 7 8.58 1.87 -3.65
N SER A 8 9.32 2.11 -2.58
CA SER A 8 8.88 1.74 -1.25
C SER A 8 7.60 2.50 -0.93
N VAL A 9 7.44 3.68 -1.54
CA VAL A 9 6.24 4.45 -1.32
C VAL A 9 5.13 4.03 -2.28
N LEU A 10 5.50 3.67 -3.50
CA LEU A 10 4.51 3.20 -4.47
C LEU A 10 3.88 1.94 -3.93
N LEU A 11 4.70 1.19 -3.20
CA LEU A 11 4.24 -0.02 -2.59
C LEU A 11 3.59 0.26 -1.26
N ALA A 12 4.09 1.26 -0.52
CA ALA A 12 3.46 1.59 0.75
C ALA A 12 2.02 1.97 0.46
N LEU A 13 1.84 2.74 -0.62
CA LEU A 13 0.51 3.11 -1.06
C LEU A 13 -0.25 1.86 -1.53
N THR A 14 0.39 1.06 -2.38
CA THR A 14 -0.21 -0.16 -2.88
C THR A 14 -0.60 -1.11 -1.75
N VAL A 15 0.36 -1.42 -0.86
CA VAL A 15 0.08 -2.28 0.25
C VAL A 15 -1.05 -1.70 1.10
N PHE A 16 -0.93 -0.42 1.43
CA PHE A 16 -1.97 0.26 2.22
C PHE A 16 -3.33 -0.01 1.57
N LEU A 17 -3.38 0.09 0.25
CA LEU A 17 -4.60 -0.19 -0.47
C LEU A 17 -5.00 -1.65 -0.31
N LEU A 18 -4.02 -2.56 -0.19
CA LEU A 18 -4.31 -3.94 -0.02
C LEU A 18 -5.08 -4.17 1.27
N LEU A 19 -4.54 -3.67 2.38
CA LEU A 19 -5.24 -3.89 3.64
C LEU A 19 -6.54 -3.09 3.76
N ILE A 20 -6.61 -1.88 3.20
CA ILE A 20 -7.86 -1.14 3.25
C ILE A 20 -8.90 -1.81 2.36
N SER A 21 -8.40 -2.60 1.41
CA SER A 21 -9.27 -3.33 0.48
C SER A 21 -9.80 -4.61 1.10
N LYS A 22 -8.88 -5.48 1.49
CA LYS A 22 -9.23 -6.76 2.07
C LYS A 22 -9.85 -6.58 3.46
N ILE A 23 -9.28 -5.67 4.23
CA ILE A 23 -9.78 -5.40 5.57
C ILE A 23 -10.66 -4.15 5.60
N VAL A 24 -11.74 -4.22 6.39
CA VAL A 24 -12.69 -3.10 6.50
C VAL A 24 -12.04 -1.78 6.97
N PRO A 25 -11.33 -1.76 8.12
CA PRO A 25 -10.69 -0.53 8.62
C PRO A 25 -9.64 0.04 7.66
N PRO A 26 -9.81 1.31 7.24
CA PRO A 26 -8.87 1.98 6.32
C PRO A 26 -7.55 2.37 6.97
N THR A 27 -6.88 1.41 7.59
CA THR A 27 -5.60 1.65 8.26
C THR A 27 -4.85 0.34 8.50
N SER A 28 -5.52 -0.63 9.10
CA SER A 28 -4.93 -1.95 9.39
C SER A 28 -6.02 -2.96 9.75
N GLU A 1 19.55 1.55 -6.59
CA GLU A 1 18.82 2.70 -7.18
C GLU A 1 18.30 3.66 -6.11
N LYS A 2 18.45 4.95 -6.38
CA LYS A 2 17.99 5.99 -5.45
C LYS A 2 16.47 5.98 -5.32
N MET A 3 15.81 5.39 -6.31
CA MET A 3 14.35 5.30 -6.32
C MET A 3 13.83 4.24 -5.33
N THR A 4 14.72 3.70 -4.50
CA THR A 4 14.35 2.68 -3.51
C THR A 4 13.30 3.21 -2.53
N LEU A 5 13.42 4.47 -2.15
CA LEU A 5 12.48 5.10 -1.22
C LEU A 5 11.12 5.28 -1.90
N CYS A 6 11.15 5.70 -3.16
CA CYS A 6 9.92 5.93 -3.92
C CYS A 6 9.15 4.65 -4.15
N ILE A 7 9.81 3.61 -4.66
CA ILE A 7 9.13 2.33 -4.91
C ILE A 7 8.57 1.82 -3.60
N SER A 8 9.30 2.06 -2.51
CA SER A 8 8.84 1.69 -1.19
C SER A 8 7.56 2.47 -0.88
N VAL A 9 7.42 3.66 -1.48
CA VAL A 9 6.22 4.44 -1.26
C VAL A 9 5.13 4.07 -2.23
N LEU A 10 5.50 3.69 -3.45
CA LEU A 10 4.52 3.27 -4.43
C LEU A 10 3.87 2.00 -3.92
N LEU A 11 4.68 1.23 -3.23
CA LEU A 11 4.19 0.01 -2.63
C LEU A 11 3.53 0.30 -1.30
N ALA A 12 4.04 1.27 -0.54
CA ALA A 12 3.38 1.61 0.71
C ALA A 12 1.96 2.03 0.39
N LEU A 13 1.82 2.74 -0.73
CA LEU A 13 0.51 3.15 -1.19
C LEU A 13 -0.30 1.93 -1.64
N THR A 14 0.28 1.12 -2.54
CA THR A 14 -0.41 -0.07 -3.04
C THR A 14 -0.73 -1.06 -1.89
N VAL A 15 0.23 -1.32 -0.98
CA VAL A 15 -0.02 -2.21 0.11
C VAL A 15 -1.11 -1.63 1.01
N PHE A 16 -1.00 -0.33 1.30
CA PHE A 16 -2.02 0.34 2.11
C PHE A 16 -3.38 0.10 1.46
N LEU A 17 -3.41 0.12 0.15
CA LEU A 17 -4.63 -0.13 -0.59
C LEU A 17 -5.06 -1.60 -0.45
N LEU A 18 -4.08 -2.53 -0.39
CA LEU A 18 -4.37 -3.91 -0.27
C LEU A 18 -5.04 -4.18 1.07
N LEU A 19 -4.44 -3.64 2.11
CA LEU A 19 -4.96 -3.84 3.45
C LEU A 19 -6.31 -3.16 3.63
N ILE A 20 -6.44 -1.90 3.25
CA ILE A 20 -7.73 -1.23 3.37
C ILE A 20 -8.77 -1.97 2.52
N SER A 21 -8.28 -2.68 1.51
CA SER A 21 -9.16 -3.47 0.63
C SER A 21 -9.71 -4.68 1.36
N LYS A 22 -8.81 -5.56 1.78
CA LYS A 22 -9.18 -6.77 2.48
C LYS A 22 -9.76 -6.46 3.85
N ILE A 23 -9.13 -5.54 4.56
CA ILE A 23 -9.56 -5.17 5.90
C ILE A 23 -10.63 -4.08 5.89
N VAL A 24 -11.79 -4.40 5.32
CA VAL A 24 -12.91 -3.45 5.27
C VAL A 24 -13.44 -3.14 6.68
N PRO A 25 -13.79 -4.17 7.49
CA PRO A 25 -14.30 -3.98 8.85
C PRO A 25 -13.17 -3.69 9.85
N PRO A 26 -13.43 -2.89 10.89
CA PRO A 26 -12.45 -2.55 11.92
C PRO A 26 -11.87 -3.78 12.64
N THR A 27 -12.66 -4.84 12.72
CA THR A 27 -12.25 -6.07 13.39
C THR A 27 -11.16 -6.82 12.61
N SER A 28 -11.46 -7.18 11.36
CA SER A 28 -10.52 -7.90 10.50
C SER A 28 -11.02 -7.91 9.04
N GLU A 1 19.77 1.38 -5.28
CA GLU A 1 18.54 1.81 -6.00
C GLU A 1 18.38 3.33 -5.96
N LYS A 2 18.08 3.90 -7.12
CA LYS A 2 17.89 5.34 -7.24
C LYS A 2 16.50 5.76 -6.76
N MET A 3 15.55 4.83 -6.80
CA MET A 3 14.18 5.13 -6.36
C MET A 3 13.68 4.16 -5.29
N THR A 4 14.61 3.59 -4.53
CA THR A 4 14.27 2.64 -3.45
C THR A 4 13.23 3.22 -2.49
N LEU A 5 13.38 4.50 -2.13
CA LEU A 5 12.44 5.16 -1.24
C LEU A 5 11.08 5.33 -1.91
N CYS A 6 11.08 5.74 -3.17
CA CYS A 6 9.85 5.94 -3.92
C CYS A 6 9.11 4.63 -4.17
N ILE A 7 9.83 3.60 -4.64
CA ILE A 7 9.20 2.31 -4.89
C ILE A 7 8.63 1.80 -3.59
N SER A 8 9.34 2.05 -2.49
CA SER A 8 8.84 1.68 -1.18
C SER A 8 7.57 2.46 -0.88
N VAL A 9 7.43 3.65 -1.49
CA VAL A 9 6.25 4.44 -1.26
C VAL A 9 5.14 4.08 -2.23
N LEU A 10 5.48 3.72 -3.45
CA LEU A 10 4.46 3.33 -4.40
C LEU A 10 3.87 2.00 -3.93
N LEU A 11 4.70 1.23 -3.24
CA LEU A 11 4.23 -0.02 -2.68
C LEU A 11 3.55 0.25 -1.35
N ALA A 12 4.05 1.22 -0.58
CA ALA A 12 3.39 1.56 0.68
C ALA A 12 1.98 1.99 0.36
N LEU A 13 1.83 2.73 -0.73
CA LEU A 13 0.52 3.14 -1.18
C LEU A 13 -0.28 1.91 -1.62
N THR A 14 0.35 1.10 -2.49
CA THR A 14 -0.26 -0.12 -2.99
C THR A 14 -0.67 -1.05 -1.85
N VAL A 15 0.26 -1.39 -0.96
CA VAL A 15 -0.04 -2.25 0.15
C VAL A 15 -1.13 -1.63 1.02
N PHE A 16 -1.02 -0.34 1.29
CA PHE A 16 -2.02 0.36 2.08
C PHE A 16 -3.40 0.12 1.45
N LEU A 17 -3.43 0.16 0.13
CA LEU A 17 -4.67 -0.10 -0.58
C LEU A 17 -5.08 -1.56 -0.45
N LEU A 18 -4.11 -2.50 -0.41
CA LEU A 18 -4.41 -3.87 -0.29
C LEU A 18 -5.05 -4.15 1.05
N LEU A 19 -4.43 -3.62 2.09
CA LEU A 19 -4.93 -3.81 3.43
C LEU A 19 -6.27 -3.14 3.64
N ILE A 20 -6.42 -1.87 3.25
CA ILE A 20 -7.71 -1.21 3.39
C ILE A 20 -8.77 -1.95 2.56
N SER A 21 -8.29 -2.66 1.53
CA SER A 21 -9.19 -3.44 0.66
C SER A 21 -9.72 -4.66 1.37
N LYS A 22 -8.81 -5.56 1.74
CA LYS A 22 -9.16 -6.79 2.41
C LYS A 22 -9.66 -6.52 3.84
N ILE A 23 -8.99 -5.60 4.52
CA ILE A 23 -9.35 -5.26 5.90
C ILE A 23 -10.28 -4.05 5.97
N VAL A 24 -11.48 -4.19 5.45
CA VAL A 24 -12.48 -3.13 5.46
C VAL A 24 -12.82 -2.68 6.88
N PRO A 25 -12.90 -1.35 7.12
CA PRO A 25 -13.22 -0.82 8.45
C PRO A 25 -14.65 -1.12 8.90
N PRO A 26 -14.83 -1.49 10.18
CA PRO A 26 -16.15 -1.79 10.75
C PRO A 26 -17.09 -0.58 10.71
N THR A 27 -17.80 -0.42 9.59
CA THR A 27 -18.73 0.71 9.38
C THR A 27 -18.03 2.06 9.59
N SER A 28 -16.93 2.26 8.89
CA SER A 28 -16.16 3.51 8.97
C SER A 28 -15.19 3.63 7.79
N GLU A 1 19.05 0.78 -7.14
CA GLU A 1 18.19 1.88 -7.64
C GLU A 1 18.06 3.01 -6.63
N LYS A 2 18.31 4.23 -7.08
CA LYS A 2 18.22 5.42 -6.23
C LYS A 2 16.77 5.68 -5.81
N MET A 3 15.83 5.19 -6.61
CA MET A 3 14.40 5.37 -6.35
C MET A 3 13.86 4.35 -5.34
N THR A 4 14.75 3.74 -4.57
CA THR A 4 14.39 2.73 -3.55
C THR A 4 13.33 3.24 -2.56
N LEU A 5 13.46 4.49 -2.13
CA LEU A 5 12.50 5.07 -1.19
C LEU A 5 11.13 5.28 -1.85
N CYS A 6 11.15 5.75 -3.10
CA CYS A 6 9.92 5.99 -3.84
C CYS A 6 9.14 4.72 -4.11
N ILE A 7 9.80 3.70 -4.65
CA ILE A 7 9.12 2.42 -4.93
C ILE A 7 8.57 1.87 -3.64
N SER A 8 9.32 2.08 -2.56
CA SER A 8 8.85 1.67 -1.24
C SER A 8 7.57 2.44 -0.91
N VAL A 9 7.42 3.63 -1.47
CA VAL A 9 6.22 4.40 -1.23
C VAL A 9 5.12 4.04 -2.22
N LEU A 10 5.51 3.68 -3.44
CA LEU A 10 4.53 3.27 -4.44
C LEU A 10 3.88 1.99 -3.94
N LEU A 11 4.69 1.20 -3.26
CA LEU A 11 4.20 -0.03 -2.68
C LEU A 11 3.54 0.24 -1.35
N ALA A 12 4.05 1.20 -0.58
CA ALA A 12 3.40 1.53 0.68
C ALA A 12 1.98 1.96 0.37
N LEU A 13 1.83 2.70 -0.73
CA LEU A 13 0.51 3.11 -1.17
C LEU A 13 -0.27 1.88 -1.62
N THR A 14 0.36 1.06 -2.48
CA THR A 14 -0.25 -0.15 -2.98
C THR A 14 -0.66 -1.09 -1.83
N VAL A 15 0.27 -1.42 -0.94
CA VAL A 15 -0.04 -2.28 0.17
C VAL A 15 -1.15 -1.66 1.03
N PHE A 16 -1.03 -0.36 1.29
CA PHE A 16 -2.05 0.34 2.08
C PHE A 16 -3.42 0.10 1.43
N LEU A 17 -3.45 0.14 0.12
CA LEU A 17 -4.67 -0.12 -0.61
C LEU A 17 -5.09 -1.59 -0.48
N LEU A 18 -4.11 -2.51 -0.43
CA LEU A 18 -4.41 -3.90 -0.31
C LEU A 18 -5.08 -4.17 1.02
N LEU A 19 -4.49 -3.63 2.06
CA LEU A 19 -5.01 -3.82 3.40
C LEU A 19 -6.36 -3.15 3.56
N ILE A 20 -6.48 -1.86 3.23
CA ILE A 20 -7.77 -1.18 3.34
C ILE A 20 -8.81 -1.94 2.52
N SER A 21 -8.35 -2.66 1.50
CA SER A 21 -9.24 -3.46 0.66
C SER A 21 -9.71 -4.71 1.41
N LYS A 22 -8.74 -5.49 1.88
CA LYS A 22 -9.03 -6.71 2.60
C LYS A 22 -9.76 -6.41 3.91
N ILE A 23 -9.41 -5.30 4.56
CA ILE A 23 -10.09 -4.91 5.80
C ILE A 23 -11.55 -4.54 5.53
N VAL A 24 -12.47 -5.19 6.24
CA VAL A 24 -13.89 -4.91 6.08
C VAL A 24 -14.23 -3.47 6.51
N PRO A 25 -14.86 -2.68 5.62
CA PRO A 25 -15.22 -1.30 5.93
C PRO A 25 -16.24 -1.19 7.08
N PRO A 26 -15.98 -0.33 8.08
CA PRO A 26 -16.87 -0.13 9.23
C PRO A 26 -18.24 0.42 8.84
N THR A 27 -18.27 1.32 7.86
CA THR A 27 -19.52 1.93 7.40
C THR A 27 -19.35 2.59 6.03
N SER A 28 -18.27 3.35 5.87
CA SER A 28 -18.01 4.04 4.60
C SER A 28 -16.54 3.90 4.19
N GLU A 1 20.15 1.75 -5.32
CA GLU A 1 19.00 2.31 -6.09
C GLU A 1 18.59 3.69 -5.60
N LYS A 2 18.45 4.61 -6.53
CA LYS A 2 18.08 5.99 -6.24
C LYS A 2 16.58 6.13 -5.96
N MET A 3 15.79 5.23 -6.51
CA MET A 3 14.32 5.29 -6.34
C MET A 3 13.80 4.28 -5.31
N THR A 4 14.70 3.73 -4.50
CA THR A 4 14.33 2.74 -3.48
C THR A 4 13.28 3.30 -2.52
N LEU A 5 13.40 4.57 -2.16
CA LEU A 5 12.46 5.22 -1.26
C LEU A 5 11.08 5.37 -1.92
N CYS A 6 11.08 5.81 -3.18
CA CYS A 6 9.85 6.00 -3.92
C CYS A 6 9.10 4.69 -4.14
N ILE A 7 9.79 3.67 -4.66
CA ILE A 7 9.14 2.38 -4.90
C ILE A 7 8.59 1.85 -3.61
N SER A 8 9.31 2.06 -2.52
CA SER A 8 8.84 1.64 -1.21
C SER A 8 7.56 2.42 -0.89
N VAL A 9 7.40 3.61 -1.47
CA VAL A 9 6.21 4.38 -1.24
C VAL A 9 5.11 4.02 -2.22
N LEU A 10 5.48 3.66 -3.44
CA LEU A 10 4.50 3.24 -4.43
C LEU A 10 3.86 1.97 -3.94
N LEU A 11 4.68 1.19 -3.26
CA LEU A 11 4.19 -0.05 -2.68
C LEU A 11 3.54 0.22 -1.34
N ALA A 12 4.05 1.19 -0.58
CA ALA A 12 3.41 1.52 0.68
C ALA A 12 1.99 1.94 0.39
N LEU A 13 1.83 2.68 -0.70
CA LEU A 13 0.51 3.08 -1.14
C LEU A 13 -0.27 1.86 -1.59
N THR A 14 0.35 1.06 -2.46
CA THR A 14 -0.24 -0.17 -2.95
C THR A 14 -0.66 -1.11 -1.82
N VAL A 15 0.28 -1.45 -0.92
CA VAL A 15 -0.03 -2.29 0.18
C VAL A 15 -1.13 -1.68 1.05
N PHE A 16 -1.00 -0.39 1.33
CA PHE A 16 -2.02 0.31 2.12
C PHE A 16 -3.39 0.10 1.49
N LEU A 17 -3.43 0.09 0.17
CA LEU A 17 -4.67 -0.15 -0.55
C LEU A 17 -5.08 -1.62 -0.44
N LEU A 18 -4.11 -2.55 -0.39
CA LEU A 18 -4.42 -3.94 -0.29
C LEU A 18 -5.07 -4.22 1.06
N LEU A 19 -4.43 -3.70 2.09
CA LEU A 19 -4.94 -3.89 3.45
C LEU A 19 -6.25 -3.14 3.64
N ILE A 20 -6.32 -1.91 3.18
CA ILE A 20 -7.55 -1.15 3.28
C ILE A 20 -8.66 -1.80 2.46
N SER A 21 -8.24 -2.62 1.49
CA SER A 21 -9.18 -3.34 0.62
C SER A 21 -9.78 -4.53 1.32
N LYS A 22 -8.92 -5.45 1.75
CA LYS A 22 -9.35 -6.65 2.41
C LYS A 22 -9.77 -6.37 3.85
N ILE A 23 -9.02 -5.51 4.53
CA ILE A 23 -9.30 -5.19 5.92
C ILE A 23 -10.13 -3.90 6.06
N VAL A 24 -11.36 -3.92 5.55
CA VAL A 24 -12.25 -2.77 5.63
C VAL A 24 -12.68 -2.44 7.08
N PRO A 25 -13.18 -3.42 7.86
CA PRO A 25 -13.59 -3.17 9.24
C PRO A 25 -12.39 -3.13 10.19
N PRO A 26 -12.37 -2.16 11.13
CA PRO A 26 -11.28 -2.01 12.10
C PRO A 26 -11.30 -3.10 13.19
N THR A 27 -11.42 -4.35 12.77
CA THR A 27 -11.45 -5.50 13.68
C THR A 27 -11.16 -6.79 12.93
N SER A 28 -10.19 -7.56 13.40
CA SER A 28 -9.78 -8.82 12.78
C SER A 28 -8.93 -9.66 13.73
N GLU A 1 18.62 0.56 -7.40
CA GLU A 1 17.94 1.78 -7.94
C GLU A 1 17.95 2.91 -6.92
N LYS A 2 18.16 4.13 -7.41
CA LYS A 2 18.18 5.30 -6.53
C LYS A 2 16.77 5.62 -6.02
N MET A 3 15.78 5.09 -6.72
CA MET A 3 14.37 5.33 -6.38
C MET A 3 13.78 4.31 -5.39
N THR A 4 14.65 3.66 -4.61
CA THR A 4 14.21 2.67 -3.64
C THR A 4 13.17 3.23 -2.66
N LEU A 5 13.44 4.43 -2.13
CA LEU A 5 12.52 5.08 -1.19
C LEU A 5 11.15 5.31 -1.84
N CYS A 6 11.15 5.75 -3.10
CA CYS A 6 9.92 6.00 -3.83
C CYS A 6 9.14 4.72 -4.07
N ILE A 7 9.81 3.69 -4.60
CA ILE A 7 9.15 2.41 -4.87
C ILE A 7 8.59 1.88 -3.55
N SER A 8 9.34 2.12 -2.48
CA SER A 8 8.88 1.74 -1.15
C SER A 8 7.58 2.49 -0.84
N VAL A 9 7.41 3.67 -1.41
CA VAL A 9 6.20 4.42 -1.19
C VAL A 9 5.11 4.04 -2.19
N LEU A 10 5.51 3.68 -3.39
CA LEU A 10 4.54 3.25 -4.40
C LEU A 10 3.89 1.98 -3.90
N LEU A 11 4.71 1.21 -3.20
CA LEU A 11 4.22 -0.02 -2.61
C LEU A 11 3.53 0.27 -1.30
N ALA A 12 4.04 1.23 -0.51
CA ALA A 12 3.37 1.56 0.73
C ALA A 12 1.95 1.99 0.39
N LEU A 13 1.81 2.70 -0.74
CA LEU A 13 0.51 3.11 -1.21
C LEU A 13 -0.30 1.88 -1.65
N THR A 14 0.26 1.10 -2.57
CA THR A 14 -0.43 -0.11 -3.06
C THR A 14 -0.75 -1.08 -1.92
N VAL A 15 0.21 -1.36 -1.02
CA VAL A 15 -0.04 -2.25 0.08
C VAL A 15 -1.13 -1.67 0.96
N PHE A 16 -1.03 -0.39 1.27
CA PHE A 16 -2.04 0.28 2.08
C PHE A 16 -3.40 0.07 1.42
N LEU A 17 -3.43 0.06 0.10
CA LEU A 17 -4.64 -0.18 -0.62
C LEU A 17 -5.07 -1.65 -0.53
N LEU A 18 -4.11 -2.57 -0.47
CA LEU A 18 -4.40 -3.96 -0.37
C LEU A 18 -5.07 -4.24 0.95
N LEU A 19 -4.46 -3.74 2.01
CA LEU A 19 -4.99 -3.94 3.33
C LEU A 19 -6.29 -3.20 3.51
N ILE A 20 -6.33 -1.92 3.14
CA ILE A 20 -7.57 -1.16 3.23
C ILE A 20 -8.69 -1.88 2.48
N SER A 21 -8.30 -2.65 1.46
CA SER A 21 -9.26 -3.45 0.69
C SER A 21 -9.71 -4.65 1.48
N LYS A 22 -8.74 -5.41 1.99
CA LYS A 22 -9.00 -6.58 2.79
C LYS A 22 -9.83 -6.22 4.01
N ILE A 23 -9.50 -5.07 4.61
CA ILE A 23 -10.23 -4.60 5.79
C ILE A 23 -11.69 -4.26 5.47
N VAL A 24 -11.91 -3.43 4.45
CA VAL A 24 -13.26 -3.05 4.07
C VAL A 24 -13.44 -3.08 2.54
N PRO A 25 -14.50 -3.74 2.06
CA PRO A 25 -14.76 -3.86 0.62
C PRO A 25 -15.24 -2.54 0.00
N PRO A 26 -14.46 -2.00 -0.96
CA PRO A 26 -14.82 -0.75 -1.62
C PRO A 26 -16.09 -0.92 -2.48
N THR A 27 -16.23 -2.09 -3.09
CA THR A 27 -17.39 -2.42 -3.92
C THR A 27 -17.43 -3.92 -4.21
N SER A 28 -18.51 -4.57 -3.79
CA SER A 28 -18.69 -6.02 -4.00
C SER A 28 -17.57 -6.85 -3.35
N GLU A 1 20.29 1.77 -4.85
CA GLU A 1 18.96 2.14 -5.43
C GLU A 1 18.66 3.61 -5.23
N LYS A 2 18.57 4.33 -6.35
CA LYS A 2 18.29 5.77 -6.32
C LYS A 2 16.80 6.03 -6.05
N MET A 3 15.95 5.12 -6.50
CA MET A 3 14.50 5.27 -6.32
C MET A 3 13.94 4.28 -5.29
N THR A 4 14.82 3.78 -4.43
CA THR A 4 14.44 2.80 -3.40
C THR A 4 13.34 3.35 -2.47
N LEU A 5 13.39 4.64 -2.18
CA LEU A 5 12.41 5.26 -1.31
C LEU A 5 11.04 5.35 -2.00
N CYS A 6 11.04 5.76 -3.26
CA CYS A 6 9.81 5.89 -4.03
C CYS A 6 9.10 4.57 -4.24
N ILE A 7 9.84 3.54 -4.68
CA ILE A 7 9.24 2.22 -4.89
C ILE A 7 8.63 1.75 -3.59
N SER A 8 9.36 1.98 -2.50
CA SER A 8 8.86 1.64 -1.18
C SER A 8 7.58 2.44 -0.89
N VAL A 9 7.44 3.62 -1.50
CA VAL A 9 6.27 4.42 -1.28
C VAL A 9 5.15 4.07 -2.24
N LEU A 10 5.48 3.73 -3.46
CA LEU A 10 4.44 3.34 -4.41
C LEU A 10 3.85 2.03 -3.94
N LEU A 11 4.69 1.24 -3.27
CA LEU A 11 4.21 0.00 -2.71
C LEU A 11 3.55 0.25 -1.37
N ALA A 12 4.07 1.20 -0.59
CA ALA A 12 3.42 1.52 0.68
C ALA A 12 2.01 1.96 0.39
N LEU A 13 1.85 2.72 -0.70
CA LEU A 13 0.53 3.13 -1.13
C LEU A 13 -0.26 1.91 -1.58
N THR A 14 0.35 1.10 -2.45
CA THR A 14 -0.26 -0.11 -2.95
C THR A 14 -0.67 -1.07 -1.81
N VAL A 15 0.27 -1.42 -0.94
CA VAL A 15 -0.03 -2.28 0.17
C VAL A 15 -1.12 -1.68 1.04
N PHE A 16 -0.99 -0.39 1.33
CA PHE A 16 -2.01 0.30 2.13
C PHE A 16 -3.39 0.07 1.51
N LEU A 17 -3.44 0.13 0.19
CA LEU A 17 -4.67 -0.11 -0.53
C LEU A 17 -5.09 -1.59 -0.42
N LEU A 18 -4.13 -2.51 -0.37
CA LEU A 18 -4.43 -3.90 -0.27
C LEU A 18 -5.08 -4.18 1.07
N LEU A 19 -4.46 -3.67 2.11
CA LEU A 19 -4.96 -3.87 3.45
C LEU A 19 -6.31 -3.19 3.66
N ILE A 20 -6.43 -1.92 3.30
CA ILE A 20 -7.73 -1.25 3.43
C ILE A 20 -8.77 -1.94 2.56
N SER A 21 -8.29 -2.64 1.53
CA SER A 21 -9.17 -3.37 0.62
C SER A 21 -9.78 -4.58 1.28
N LYS A 22 -8.90 -5.49 1.69
CA LYS A 22 -9.32 -6.72 2.34
C LYS A 22 -9.82 -6.45 3.75
N ILE A 23 -9.13 -5.58 4.47
CA ILE A 23 -9.48 -5.26 5.84
C ILE A 23 -10.38 -4.02 5.93
N VAL A 24 -11.58 -4.13 5.38
CA VAL A 24 -12.55 -3.02 5.42
C VAL A 24 -13.03 -2.75 6.85
N PRO A 25 -13.13 -1.47 7.23
CA PRO A 25 -13.57 -1.09 8.58
C PRO A 25 -15.08 -1.30 8.78
N PRO A 26 -15.45 -1.99 9.87
CA PRO A 26 -16.87 -2.29 10.22
C PRO A 26 -17.67 -1.06 10.63
N THR A 27 -17.58 0.00 9.82
CA THR A 27 -18.29 1.24 10.08
C THR A 27 -18.31 2.09 8.81
N SER A 28 -17.12 2.32 8.24
CA SER A 28 -16.96 3.11 7.01
C SER A 28 -17.48 4.54 7.18
N GLU A 1 19.10 2.28 -4.99
CA GLU A 1 18.57 3.10 -6.12
C GLU A 1 18.05 4.43 -5.63
N LYS A 2 18.19 5.46 -6.46
CA LYS A 2 17.70 6.80 -6.11
C LYS A 2 16.17 6.77 -5.94
N MET A 3 15.56 5.74 -6.50
CA MET A 3 14.11 5.56 -6.42
C MET A 3 13.69 4.47 -5.43
N THR A 4 14.65 3.97 -4.63
CA THR A 4 14.39 2.93 -3.66
C THR A 4 13.31 3.36 -2.65
N LEU A 5 13.44 4.56 -2.12
CA LEU A 5 12.45 5.09 -1.18
C LEU A 5 11.09 5.30 -1.85
N CYS A 6 11.12 5.77 -3.10
CA CYS A 6 9.90 6.02 -3.85
C CYS A 6 9.13 4.74 -4.13
N ILE A 7 9.78 3.74 -4.71
CA ILE A 7 9.11 2.47 -5.00
C ILE A 7 8.58 1.88 -3.72
N SER A 8 9.33 2.07 -2.64
CA SER A 8 8.91 1.64 -1.32
C SER A 8 7.63 2.39 -0.95
N VAL A 9 7.46 3.60 -1.49
CA VAL A 9 6.26 4.36 -1.22
C VAL A 9 5.14 4.02 -2.20
N LEU A 10 5.50 3.67 -3.42
CA LEU A 10 4.50 3.28 -4.41
C LEU A 10 3.87 1.99 -3.93
N LEU A 11 4.70 1.19 -3.28
CA LEU A 11 4.21 -0.05 -2.71
C LEU A 11 3.57 0.20 -1.37
N ALA A 12 4.10 1.16 -0.60
CA ALA A 12 3.47 1.47 0.68
C ALA A 12 2.05 1.90 0.41
N LEU A 13 1.88 2.65 -0.68
CA LEU A 13 0.56 3.09 -1.09
C LEU A 13 -0.25 1.86 -1.54
N THR A 14 0.35 1.05 -2.42
CA THR A 14 -0.28 -0.16 -2.93
C THR A 14 -0.65 -1.11 -1.79
N VAL A 15 0.32 -1.46 -0.93
CA VAL A 15 0.06 -2.33 0.18
C VAL A 15 -1.04 -1.75 1.06
N PHE A 16 -0.91 -0.47 1.39
CA PHE A 16 -1.94 0.20 2.20
C PHE A 16 -3.31 -0.03 1.59
N LEU A 17 -3.39 0.09 0.27
CA LEU A 17 -4.62 -0.16 -0.43
C LEU A 17 -5.01 -1.64 -0.37
N LEU A 18 -4.02 -2.53 -0.23
CA LEU A 18 -4.29 -3.92 -0.13
C LEU A 18 -5.08 -4.19 1.13
N LEU A 19 -4.57 -3.75 2.27
CA LEU A 19 -5.31 -4.00 3.49
C LEU A 19 -6.57 -3.16 3.55
N ILE A 20 -6.54 -1.93 3.03
CA ILE A 20 -7.74 -1.10 2.98
C ILE A 20 -8.83 -1.87 2.22
N SER A 21 -8.39 -2.65 1.25
CA SER A 21 -9.29 -3.49 0.46
C SER A 21 -9.78 -4.67 1.28
N LYS A 22 -8.82 -5.34 1.92
CA LYS A 22 -9.11 -6.49 2.75
C LYS A 22 -10.09 -6.11 3.85
N ILE A 23 -9.91 -4.91 4.39
CA ILE A 23 -10.79 -4.41 5.45
C ILE A 23 -12.21 -4.12 4.92
N VAL A 24 -12.30 -3.41 3.80
CA VAL A 24 -13.60 -3.06 3.23
C VAL A 24 -13.49 -2.75 1.73
N PRO A 25 -14.33 -3.39 0.91
CA PRO A 25 -14.34 -3.19 -0.54
C PRO A 25 -14.95 -1.85 -0.95
N PRO A 26 -14.15 -0.98 -1.61
CA PRO A 26 -14.62 0.34 -2.07
C PRO A 26 -15.76 0.23 -3.08
N THR A 27 -15.70 -0.80 -3.92
CA THR A 27 -16.72 -1.05 -4.94
C THR A 27 -16.64 -2.50 -5.40
N SER A 28 -17.73 -3.24 -5.21
CA SER A 28 -17.77 -4.65 -5.60
C SER A 28 -19.22 -5.16 -5.63
N GLU A 1 19.38 1.86 -4.13
CA GLU A 1 18.62 2.23 -5.37
C GLU A 1 18.35 3.72 -5.42
N LYS A 2 18.47 4.27 -6.61
CA LYS A 2 18.23 5.70 -6.85
C LYS A 2 16.78 6.08 -6.54
N MET A 3 15.90 5.08 -6.54
CA MET A 3 14.48 5.31 -6.27
C MET A 3 13.92 4.28 -5.28
N THR A 4 14.80 3.75 -4.44
CA THR A 4 14.43 2.74 -3.44
C THR A 4 13.34 3.26 -2.48
N LEU A 5 13.42 4.53 -2.12
CA LEU A 5 12.44 5.14 -1.22
C LEU A 5 11.09 5.29 -1.90
N CYS A 6 11.10 5.74 -3.15
CA CYS A 6 9.88 5.95 -3.91
C CYS A 6 9.12 4.66 -4.16
N ILE A 7 9.82 3.62 -4.64
CA ILE A 7 9.16 2.34 -4.90
C ILE A 7 8.59 1.82 -3.60
N SER A 8 9.32 2.02 -2.51
CA SER A 8 8.85 1.65 -1.20
C SER A 8 7.58 2.43 -0.89
N VAL A 9 7.44 3.61 -1.48
CA VAL A 9 6.26 4.42 -1.25
C VAL A 9 5.14 4.07 -2.22
N LEU A 10 5.48 3.72 -3.45
CA LEU A 10 4.45 3.36 -4.40
C LEU A 10 3.85 2.04 -3.95
N LEU A 11 4.67 1.24 -3.26
CA LEU A 11 4.19 -0.01 -2.73
C LEU A 11 3.53 0.23 -1.38
N ALA A 12 4.05 1.19 -0.60
CA ALA A 12 3.40 1.48 0.68
C ALA A 12 1.99 1.93 0.38
N LEU A 13 1.84 2.69 -0.70
CA LEU A 13 0.52 3.12 -1.12
C LEU A 13 -0.27 1.91 -1.60
N THR A 14 0.35 1.10 -2.48
CA THR A 14 -0.27 -0.09 -3.00
C THR A 14 -0.68 -1.05 -1.88
N VAL A 15 0.26 -1.42 -1.00
CA VAL A 15 -0.06 -2.30 0.10
C VAL A 15 -1.15 -1.70 0.97
N PHE A 16 -1.02 -0.40 1.27
CA PHE A 16 -2.03 0.29 2.09
C PHE A 16 -3.40 0.08 1.45
N LEU A 17 -3.44 0.14 0.14
CA LEU A 17 -4.67 -0.09 -0.59
C LEU A 17 -5.10 -1.56 -0.49
N LEU A 18 -4.13 -2.49 -0.47
CA LEU A 18 -4.44 -3.87 -0.37
C LEU A 18 -5.11 -4.16 0.96
N LEU A 19 -4.51 -3.66 2.01
CA LEU A 19 -5.05 -3.86 3.34
C LEU A 19 -6.38 -3.16 3.52
N ILE A 20 -6.48 -1.87 3.20
CA ILE A 20 -7.76 -1.18 3.33
C ILE A 20 -8.84 -1.93 2.54
N SER A 21 -8.39 -2.65 1.51
CA SER A 21 -9.30 -3.46 0.70
C SER A 21 -9.69 -4.72 1.46
N LYS A 22 -8.68 -5.43 1.94
CA LYS A 22 -8.85 -6.67 2.69
C LYS A 22 -9.61 -6.43 4.00
N ILE A 23 -9.50 -5.21 4.56
CA ILE A 23 -10.17 -4.88 5.83
C ILE A 23 -11.63 -5.36 5.91
N VAL A 24 -12.41 -5.12 4.85
CA VAL A 24 -13.82 -5.52 4.85
C VAL A 24 -14.00 -7.05 4.80
N PRO A 25 -14.84 -7.60 5.70
CA PRO A 25 -15.10 -9.05 5.78
C PRO A 25 -15.58 -9.69 4.45
N PRO A 26 -16.59 -9.13 3.75
CA PRO A 26 -17.07 -9.71 2.50
C PRO A 26 -16.22 -9.29 1.29
N THR A 27 -16.81 -8.54 0.36
CA THR A 27 -16.10 -8.09 -0.84
C THR A 27 -16.78 -6.88 -1.48
N SER A 28 -18.10 -6.96 -1.64
CA SER A 28 -18.88 -5.87 -2.24
C SER A 28 -20.36 -6.03 -1.90
N GLU A 1 19.25 1.20 -6.60
CA GLU A 1 18.44 2.26 -7.25
C GLU A 1 18.13 3.39 -6.27
N LYS A 2 18.34 4.63 -6.73
CA LYS A 2 18.06 5.81 -5.92
C LYS A 2 16.57 5.92 -5.63
N MET A 3 15.76 5.34 -6.51
CA MET A 3 14.30 5.36 -6.38
C MET A 3 13.80 4.32 -5.37
N THR A 4 14.72 3.76 -4.57
CA THR A 4 14.37 2.75 -3.56
C THR A 4 13.31 3.26 -2.58
N LEU A 5 13.43 4.54 -2.20
CA LEU A 5 12.47 5.15 -1.27
C LEU A 5 11.11 5.32 -1.94
N CYS A 6 11.12 5.74 -3.21
CA CYS A 6 9.89 5.94 -3.97
C CYS A 6 9.13 4.66 -4.18
N ILE A 7 9.80 3.61 -4.71
CA ILE A 7 9.13 2.34 -4.93
C ILE A 7 8.57 1.83 -3.63
N SER A 8 9.31 2.07 -2.54
CA SER A 8 8.85 1.71 -1.22
C SER A 8 7.58 2.47 -0.90
N VAL A 9 7.41 3.66 -1.49
CA VAL A 9 6.22 4.43 -1.27
C VAL A 9 5.11 4.04 -2.24
N LEU A 10 5.48 3.65 -3.46
CA LEU A 10 4.51 3.21 -4.44
C LEU A 10 3.87 1.94 -3.91
N LEU A 11 4.70 1.18 -3.22
CA LEU A 11 4.22 -0.04 -2.63
C LEU A 11 3.56 0.24 -1.30
N ALA A 12 4.06 1.22 -0.55
CA ALA A 12 3.40 1.57 0.71
C ALA A 12 1.98 1.98 0.39
N LEU A 13 1.83 2.71 -0.71
CA LEU A 13 0.52 3.10 -1.17
C LEU A 13 -0.27 1.86 -1.59
N THR A 14 0.36 1.03 -2.43
CA THR A 14 -0.24 -0.20 -2.91
C THR A 14 -0.64 -1.12 -1.74
N VAL A 15 0.30 -1.44 -0.85
CA VAL A 15 0.00 -2.28 0.28
C VAL A 15 -1.11 -1.68 1.13
N PHE A 16 -1.01 -0.39 1.41
CA PHE A 16 -2.04 0.29 2.19
C PHE A 16 -3.39 0.06 1.52
N LEU A 17 -3.41 0.11 0.20
CA LEU A 17 -4.63 -0.14 -0.53
C LEU A 17 -5.07 -1.60 -0.38
N LEU A 18 -4.12 -2.53 -0.30
CA LEU A 18 -4.44 -3.91 -0.17
C LEU A 18 -5.16 -4.14 1.16
N LEU A 19 -4.56 -3.62 2.21
CA LEU A 19 -5.12 -3.78 3.55
C LEU A 19 -6.44 -3.05 3.72
N ILE A 20 -6.54 -1.82 3.25
CA ILE A 20 -7.80 -1.09 3.34
C ILE A 20 -8.87 -1.78 2.49
N SER A 21 -8.42 -2.56 1.51
CA SER A 21 -9.35 -3.27 0.63
C SER A 21 -9.76 -4.63 1.21
N LYS A 22 -8.76 -5.46 1.51
CA LYS A 22 -8.99 -6.79 2.04
C LYS A 22 -9.26 -6.77 3.54
N ILE A 23 -9.09 -5.59 4.17
CA ILE A 23 -9.32 -5.39 5.61
C ILE A 23 -9.01 -6.64 6.45
N VAL A 24 -7.74 -7.04 6.44
CA VAL A 24 -7.30 -8.22 7.17
C VAL A 24 -5.90 -8.00 7.75
N PRO A 25 -5.70 -8.37 9.03
CA PRO A 25 -4.40 -8.20 9.69
C PRO A 25 -3.33 -9.09 9.08
N PRO A 26 -2.20 -8.49 8.65
CA PRO A 26 -1.08 -9.25 8.07
C PRO A 26 -0.50 -10.26 9.06
N THR A 27 -0.68 -9.96 10.34
CA THR A 27 -0.23 -10.84 11.43
C THR A 27 -0.79 -10.37 12.77
N SER A 28 -1.10 -9.08 12.89
CA SER A 28 -1.66 -8.51 14.12
C SER A 28 -2.28 -7.15 13.84
#